data_4TMS
#
_entry.id   4TMS
#
_cell.length_a   78.300
_cell.length_b   78.300
_cell.length_c   243.200
_cell.angle_alpha   90.00
_cell.angle_beta   90.00
_cell.angle_gamma   120.00
#
_symmetry.space_group_name_H-M   'P 61 2 2'
#
loop_
_entity.id
_entity.type
_entity.pdbx_description
1 polymer 'THYMIDYLATE SYNTHASE'
2 non-polymer 'PHOSPHATE ION'
3 water water
#
_entity_poly.entity_id   1
_entity_poly.type   'polypeptide(L)'
_entity_poly.pdbx_seq_one_letter_code
;MLEQPYLDLAKKVLDEGHFKPDRTHTGTYSIFGHQMRFDLSKGFPLLTTKKVPFGLIKSELLWFLHGDTNIRFLLQHRNH
IWDEWAFEKWVKSDEYHGPDMTDFGHRSQKDPEFAAVYHEEMAKFDDRVLHDDAFAAKYGDLGLVYGSQWRAWHTSKGDT
IDQLGDVIEQIKTHPYSRRLIVSAWNPEDVPTMALPPCHTLYQFYVNDGKLSLQLYQRSADIFLGVPFNIASYALLTHLV
AHECGLEVGEFIHTFGDAHLYVNHLDQIKEQLSRTPRPAPTLQLNPDKHDIFDFDMKDIKLLNYDPYPAIKAPVAV
;
_entity_poly.pdbx_strand_id   A
#
loop_
_chem_comp.id
_chem_comp.type
_chem_comp.name
_chem_comp.formula
PO4 non-polymer 'PHOSPHATE ION' 'O4 P -3'
#
# COMPACT_ATOMS: atom_id res chain seq x y z
N MET A 1 -4.71 -17.60 -15.51
CA MET A 1 -5.17 -16.24 -15.70
C MET A 1 -4.15 -15.42 -14.93
N LEU A 2 -4.14 -14.07 -15.06
CA LEU A 2 -3.17 -13.16 -14.45
C LEU A 2 -3.14 -13.16 -12.93
N GLU A 3 -4.28 -13.26 -12.22
CA GLU A 3 -4.24 -13.27 -10.78
C GLU A 3 -3.94 -14.58 -10.17
N GLN A 4 -3.82 -15.64 -10.98
CA GLN A 4 -3.51 -16.97 -10.45
C GLN A 4 -2.34 -17.05 -9.48
N PRO A 5 -1.17 -16.40 -9.63
CA PRO A 5 -0.13 -16.36 -8.61
C PRO A 5 -0.64 -15.95 -7.24
N TYR A 6 -1.64 -15.08 -7.14
CA TYR A 6 -2.17 -14.73 -5.84
C TYR A 6 -3.01 -15.89 -5.28
N LEU A 7 -3.77 -16.66 -6.09
CA LEU A 7 -4.59 -17.71 -5.54
C LEU A 7 -3.64 -18.89 -5.26
N ASP A 8 -2.63 -19.16 -6.09
CA ASP A 8 -1.61 -20.13 -5.64
C ASP A 8 -0.87 -19.72 -4.39
N LEU A 9 -0.53 -18.45 -4.13
CA LEU A 9 0.04 -18.02 -2.85
C LEU A 9 -0.91 -18.35 -1.67
N ALA A 10 -2.19 -18.08 -1.83
CA ALA A 10 -3.11 -18.27 -0.71
C ALA A 10 -3.32 -19.73 -0.40
N LYS A 11 -3.41 -20.51 -1.47
CA LYS A 11 -3.57 -21.97 -1.38
C LYS A 11 -2.30 -22.53 -0.75
N LYS A 12 -1.08 -22.23 -1.21
CA LYS A 12 0.15 -22.66 -0.53
C LYS A 12 0.24 -22.28 0.95
N VAL A 13 -0.15 -21.09 1.41
CA VAL A 13 -0.16 -20.81 2.86
C VAL A 13 -1.13 -21.69 3.62
N LEU A 14 -2.27 -22.08 3.00
CA LEU A 14 -3.24 -23.00 3.58
C LEU A 14 -2.68 -24.41 3.76
N ASP A 15 -1.98 -24.92 2.76
CA ASP A 15 -1.41 -26.23 2.83
C ASP A 15 -0.18 -26.32 3.62
N GLU A 16 0.66 -25.27 3.63
CA GLU A 16 1.97 -25.38 4.25
C GLU A 16 2.41 -24.39 5.31
N GLY A 17 1.53 -23.52 5.70
CA GLY A 17 1.81 -22.51 6.67
C GLY A 17 2.05 -23.11 8.02
N HIS A 18 2.94 -22.44 8.64
CA HIS A 18 3.30 -22.74 10.00
C HIS A 18 2.35 -21.97 10.83
N PHE A 19 1.59 -22.51 11.78
CA PHE A 19 0.84 -21.63 12.67
C PHE A 19 1.92 -20.93 13.47
N LYS A 20 1.77 -19.61 13.43
CA LYS A 20 2.73 -18.73 14.03
C LYS A 20 1.94 -17.68 14.79
N PRO A 21 2.30 -17.46 16.04
CA PRO A 21 2.02 -16.26 16.81
C PRO A 21 2.59 -14.98 16.22
N ASP A 22 2.12 -13.83 16.66
CA ASP A 22 2.61 -12.54 16.20
C ASP A 22 2.20 -11.42 17.19
N ARG A 23 2.39 -10.14 16.82
CA ARG A 23 2.00 -8.96 17.61
C ARG A 23 0.54 -8.93 18.08
N THR A 24 -0.30 -9.31 17.13
CA THR A 24 -1.73 -9.25 17.34
C THR A 24 -2.16 -10.53 18.02
N HIS A 25 -3.23 -10.42 18.78
CA HIS A 25 -3.74 -11.58 19.49
C HIS A 25 -4.40 -12.55 18.48
N THR A 26 -4.73 -12.06 17.28
CA THR A 26 -5.15 -12.92 16.19
C THR A 26 -3.89 -13.67 15.74
N GLY A 27 -3.92 -15.01 15.58
CA GLY A 27 -2.77 -15.74 15.08
C GLY A 27 -2.72 -15.83 13.55
N THR A 28 -1.59 -16.32 13.02
CA THR A 28 -1.37 -16.47 11.60
C THR A 28 -0.91 -17.87 11.15
N TYR A 29 -1.03 -18.20 9.86
CA TYR A 29 -0.38 -19.34 9.23
C TYR A 29 0.60 -18.60 8.30
N SER A 30 1.90 -18.93 8.31
CA SER A 30 2.81 -18.21 7.46
C SER A 30 3.85 -19.03 6.83
N ILE A 31 4.47 -18.43 5.84
CA ILE A 31 5.61 -18.99 5.15
C ILE A 31 6.62 -17.85 5.12
N PHE A 32 7.86 -18.20 4.82
CA PHE A 32 8.89 -17.23 4.63
C PHE A 32 9.55 -17.40 3.25
N GLY A 33 9.69 -16.40 2.38
CA GLY A 33 10.40 -16.56 1.13
C GLY A 33 9.42 -16.93 0.02
N HIS A 34 8.92 -16.02 -0.82
CA HIS A 34 7.98 -16.42 -1.83
C HIS A 34 8.19 -15.42 -2.94
N GLN A 35 8.01 -15.75 -4.22
CA GLN A 35 8.12 -14.76 -5.23
C GLN A 35 6.95 -14.93 -6.20
N MET A 36 6.39 -13.93 -6.84
CA MET A 36 5.25 -14.13 -7.75
C MET A 36 5.60 -13.22 -8.89
N ARG A 37 5.09 -13.39 -10.09
CA ARG A 37 5.52 -12.58 -11.20
C ARG A 37 4.29 -12.25 -11.95
N PHE A 38 3.98 -11.04 -12.46
CA PHE A 38 2.74 -10.75 -13.16
C PHE A 38 3.22 -10.07 -14.42
N ASP A 39 2.76 -10.39 -15.61
CA ASP A 39 3.26 -9.77 -16.83
C ASP A 39 2.24 -8.71 -17.15
N LEU A 40 2.69 -7.50 -17.02
CA LEU A 40 1.80 -6.41 -17.12
C LEU A 40 1.37 -6.14 -18.54
N SER A 41 1.89 -6.83 -19.53
CA SER A 41 1.39 -6.65 -20.89
C SER A 41 0.16 -7.49 -21.14
N LYS A 42 -0.08 -8.40 -20.24
CA LYS A 42 -1.20 -9.28 -20.34
C LYS A 42 -2.34 -8.62 -19.59
N GLY A 43 -2.28 -7.50 -18.87
CA GLY A 43 -3.46 -6.94 -18.25
C GLY A 43 -3.13 -6.39 -16.88
N PHE A 44 -3.92 -5.54 -16.23
CA PHE A 44 -3.56 -5.00 -14.90
C PHE A 44 -3.96 -5.97 -13.81
N PRO A 45 -3.07 -6.44 -12.89
CA PRO A 45 -3.42 -7.39 -11.86
C PRO A 45 -4.30 -6.91 -10.74
N LEU A 46 -5.46 -6.30 -11.00
CA LEU A 46 -6.40 -6.03 -9.92
C LEU A 46 -7.28 -7.28 -9.87
N LEU A 47 -7.37 -7.90 -8.68
CA LEU A 47 -8.11 -9.13 -8.47
C LEU A 47 -9.56 -9.07 -8.99
N THR A 48 -10.01 -10.03 -9.81
CA THR A 48 -11.39 -10.08 -10.24
C THR A 48 -12.10 -11.08 -9.33
N THR A 49 -11.45 -11.91 -8.50
CA THR A 49 -12.20 -12.84 -7.66
C THR A 49 -12.67 -12.15 -6.37
N LYS A 50 -12.56 -10.81 -6.26
CA LYS A 50 -13.07 -10.05 -5.14
C LYS A 50 -12.93 -8.58 -5.56
N LYS A 51 -13.93 -7.78 -5.26
CA LYS A 51 -13.95 -6.38 -5.65
C LYS A 51 -12.94 -5.66 -4.80
N VAL A 52 -11.85 -5.06 -5.38
CA VAL A 52 -10.84 -4.28 -4.65
C VAL A 52 -11.03 -2.80 -5.01
N PRO A 53 -11.24 -1.82 -4.10
CA PRO A 53 -11.47 -0.45 -4.49
C PRO A 53 -10.19 0.19 -5.03
N PHE A 54 -10.11 0.22 -6.37
CA PHE A 54 -9.02 0.87 -7.05
C PHE A 54 -8.88 2.33 -6.68
N GLY A 55 -9.93 3.10 -6.43
CA GLY A 55 -9.77 4.51 -6.20
C GLY A 55 -8.95 4.74 -4.95
N LEU A 56 -8.86 3.82 -3.98
CA LEU A 56 -8.05 4.00 -2.78
C LEU A 56 -6.55 3.78 -3.04
N ILE A 57 -6.26 2.97 -4.04
CA ILE A 57 -4.94 2.61 -4.40
C ILE A 57 -4.37 3.75 -5.17
N LYS A 58 -5.16 4.22 -6.13
CA LYS A 58 -4.88 5.33 -7.03
C LYS A 58 -4.68 6.54 -6.15
N SER A 59 -5.49 6.93 -5.15
CA SER A 59 -5.25 8.15 -4.38
C SER A 59 -4.10 8.03 -3.40
N GLU A 60 -3.90 6.85 -2.80
CA GLU A 60 -2.82 6.63 -1.86
C GLU A 60 -1.48 6.66 -2.61
N LEU A 61 -1.40 6.15 -3.83
CA LEU A 61 -0.17 6.15 -4.55
C LEU A 61 0.15 7.54 -4.99
N LEU A 62 -0.77 8.40 -5.43
CA LEU A 62 -0.43 9.77 -5.78
C LEU A 62 0.05 10.53 -4.55
N TRP A 63 -0.51 10.35 -3.37
CA TRP A 63 -0.08 10.92 -2.11
C TRP A 63 1.38 10.55 -2.01
N PHE A 64 1.80 9.30 -2.10
CA PHE A 64 3.21 8.92 -2.03
C PHE A 64 4.09 9.65 -3.06
N LEU A 65 3.59 9.69 -4.31
CA LEU A 65 4.27 10.26 -5.46
C LEU A 65 4.46 11.76 -5.35
N HIS A 66 3.58 12.44 -4.63
CA HIS A 66 3.66 13.88 -4.43
C HIS A 66 4.61 14.20 -3.31
N GLY A 67 5.06 13.23 -2.52
CA GLY A 67 6.01 13.46 -1.43
C GLY A 67 5.33 13.87 -0.16
N ASP A 68 4.06 13.50 -0.11
CA ASP A 68 3.17 14.03 0.90
C ASP A 68 3.07 13.12 2.12
N THR A 69 2.91 13.66 3.31
CA THR A 69 2.86 12.85 4.52
C THR A 69 1.65 13.26 5.37
N ASN A 70 0.78 14.08 4.80
CA ASN A 70 -0.31 14.66 5.50
C ASN A 70 -1.62 14.00 5.06
N ILE A 71 -2.34 13.53 6.05
CA ILE A 71 -3.61 12.82 5.99
C ILE A 71 -4.61 13.61 5.21
N ARG A 72 -4.60 14.95 5.33
CA ARG A 72 -5.58 15.78 4.70
C ARG A 72 -5.83 15.45 3.24
N PHE A 73 -4.78 15.08 2.48
CA PHE A 73 -4.93 14.82 1.06
C PHE A 73 -5.82 13.61 0.81
N LEU A 74 -5.52 12.58 1.59
CA LEU A 74 -6.25 11.31 1.60
C LEU A 74 -7.72 11.54 2.03
N LEU A 75 -8.00 12.21 3.15
CA LEU A 75 -9.33 12.48 3.63
C LEU A 75 -10.08 13.29 2.64
N GLN A 76 -9.40 14.13 1.88
CA GLN A 76 -10.03 14.90 0.83
C GLN A 76 -10.46 14.00 -0.31
N HIS A 77 -9.78 12.90 -0.50
CA HIS A 77 -10.14 11.94 -1.53
C HIS A 77 -11.00 10.81 -0.97
N ARG A 78 -11.32 10.90 0.34
CA ARG A 78 -12.17 10.01 1.07
C ARG A 78 -11.50 8.69 1.25
N ASN A 79 -10.23 8.77 1.57
CA ASN A 79 -9.40 7.64 1.80
C ASN A 79 -8.98 7.63 3.28
N HIS A 80 -9.32 6.56 3.95
CA HIS A 80 -9.17 6.57 5.37
C HIS A 80 -8.17 5.54 5.81
N ILE A 81 -7.41 4.99 4.88
CA ILE A 81 -6.41 3.95 5.16
C ILE A 81 -5.35 4.36 6.15
N TRP A 82 -4.91 5.60 6.14
CA TRP A 82 -3.92 5.98 7.14
C TRP A 82 -4.47 6.75 8.32
N ASP A 83 -5.78 6.90 8.54
CA ASP A 83 -6.29 7.73 9.62
C ASP A 83 -5.97 7.29 11.02
N GLU A 84 -5.61 6.04 11.22
CA GLU A 84 -5.43 5.55 12.56
C GLU A 84 -4.06 5.89 13.12
N TRP A 85 -3.05 6.00 12.27
CA TRP A 85 -1.72 6.27 12.78
C TRP A 85 -1.67 7.70 13.27
N ALA A 86 -2.31 8.60 12.52
CA ALA A 86 -2.43 10.00 12.89
C ALA A 86 -3.45 10.13 14.01
N PHE A 87 -4.64 9.54 13.99
CA PHE A 87 -5.54 9.62 15.14
C PHE A 87 -4.88 9.16 16.42
N GLU A 88 -4.12 8.08 16.35
CA GLU A 88 -3.35 7.57 17.46
C GLU A 88 -2.57 8.64 18.20
N LYS A 89 -1.84 9.50 17.46
CA LYS A 89 -1.06 10.61 18.01
C LYS A 89 -1.99 11.71 18.55
N TRP A 90 -3.14 12.04 17.92
CA TRP A 90 -4.07 13.00 18.45
C TRP A 90 -4.43 12.59 19.85
N VAL A 91 -4.74 11.31 19.97
CA VAL A 91 -5.10 10.76 21.27
C VAL A 91 -4.02 10.82 22.36
N LYS A 92 -2.71 10.81 22.14
CA LYS A 92 -1.81 10.98 23.27
C LYS A 92 -1.63 12.46 23.55
N SER A 93 -2.04 13.44 22.74
CA SER A 93 -1.70 14.80 23.08
C SER A 93 -2.43 15.41 24.28
N ASP A 94 -1.76 16.42 24.82
CA ASP A 94 -2.34 17.27 25.84
C ASP A 94 -3.08 18.38 25.06
N GLU A 95 -4.14 17.93 24.38
CA GLU A 95 -5.01 18.72 23.54
C GLU A 95 -6.28 17.90 23.39
N TYR A 96 -6.10 16.57 23.38
CA TYR A 96 -7.18 15.64 23.30
C TYR A 96 -7.66 15.44 24.70
N HIS A 97 -8.93 15.67 24.99
CA HIS A 97 -9.45 15.26 26.29
C HIS A 97 -10.88 14.94 25.91
N GLY A 98 -11.03 13.66 25.66
CA GLY A 98 -12.30 13.07 25.31
C GLY A 98 -12.28 11.74 26.05
N PRO A 99 -13.11 10.73 25.69
CA PRO A 99 -13.03 9.36 26.20
C PRO A 99 -11.59 8.84 26.08
N ASP A 100 -11.16 7.81 26.82
CA ASP A 100 -9.75 7.45 26.84
C ASP A 100 -9.16 6.81 25.58
N MET A 101 -9.89 5.92 24.90
CA MET A 101 -9.46 5.35 23.62
C MET A 101 -8.05 4.81 23.61
N THR A 102 -7.76 3.76 24.36
CA THR A 102 -6.41 3.25 24.33
C THR A 102 -6.39 1.89 23.65
N ASP A 103 -5.44 1.88 22.71
CA ASP A 103 -5.24 0.83 21.72
C ASP A 103 -6.60 0.34 21.20
N PHE A 104 -7.18 1.46 20.76
CA PHE A 104 -8.47 1.71 20.16
C PHE A 104 -8.97 0.55 19.35
N GLY A 105 -8.17 0.01 18.43
CA GLY A 105 -8.61 -1.05 17.53
C GLY A 105 -9.11 -2.31 18.24
N HIS A 106 -8.41 -2.66 19.31
CA HIS A 106 -8.70 -3.85 20.10
C HIS A 106 -10.10 -3.75 20.69
N ARG A 107 -10.39 -2.68 21.43
CA ARG A 107 -11.67 -2.44 22.09
C ARG A 107 -12.79 -2.05 21.15
N SER A 108 -12.46 -1.54 19.98
CA SER A 108 -13.46 -1.16 19.03
C SER A 108 -13.81 -2.37 18.18
N GLN A 109 -13.05 -3.48 18.25
CA GLN A 109 -13.40 -4.65 17.47
C GLN A 109 -14.37 -5.49 18.32
N LYS A 110 -14.01 -5.86 19.55
CA LYS A 110 -14.94 -6.50 20.50
C LYS A 110 -15.64 -5.29 21.11
N ASP A 111 -16.39 -4.59 20.28
CA ASP A 111 -16.94 -3.30 20.62
C ASP A 111 -18.24 -3.29 21.35
N PRO A 112 -18.20 -2.58 22.47
CA PRO A 112 -19.37 -1.95 23.03
C PRO A 112 -19.92 -0.88 22.08
N GLU A 113 -20.66 0.05 22.66
CA GLU A 113 -21.09 1.25 21.96
C GLU A 113 -19.84 2.08 21.67
N PHE A 114 -18.74 1.80 22.41
CA PHE A 114 -17.39 2.33 22.20
C PHE A 114 -17.01 2.37 20.75
N ALA A 115 -17.47 1.47 19.88
CA ALA A 115 -17.22 1.62 18.46
C ALA A 115 -17.77 2.98 18.10
N ALA A 116 -19.03 3.42 18.23
CA ALA A 116 -19.46 4.74 17.73
C ALA A 116 -18.92 5.92 18.54
N VAL A 117 -18.34 5.60 19.70
CA VAL A 117 -17.58 6.58 20.47
C VAL A 117 -16.26 6.81 19.74
N TYR A 118 -15.50 5.74 19.44
CA TYR A 118 -14.33 5.73 18.62
C TYR A 118 -14.66 6.38 17.30
N HIS A 119 -15.75 5.98 16.68
CA HIS A 119 -16.14 6.52 15.39
C HIS A 119 -16.57 7.95 15.44
N GLU A 120 -17.12 8.52 16.53
CA GLU A 120 -17.38 9.96 16.57
C GLU A 120 -16.08 10.74 16.88
N GLU A 121 -15.20 10.29 17.76
CA GLU A 121 -13.91 10.93 18.00
C GLU A 121 -13.10 11.02 16.72
N MET A 122 -13.16 9.95 15.94
CA MET A 122 -12.49 9.86 14.66
C MET A 122 -13.16 10.80 13.70
N ALA A 123 -14.49 10.86 13.64
CA ALA A 123 -15.20 11.76 12.73
C ALA A 123 -14.83 13.20 13.01
N LYS A 124 -14.68 13.48 14.30
CA LYS A 124 -14.23 14.77 14.79
C LYS A 124 -12.77 15.02 14.40
N PHE A 125 -11.79 14.15 14.72
CA PHE A 125 -10.40 14.29 14.29
C PHE A 125 -10.29 14.49 12.77
N ASP A 126 -11.02 13.73 11.97
CA ASP A 126 -11.00 13.84 10.55
C ASP A 126 -11.51 15.14 10.02
N ASP A 127 -12.44 15.78 10.71
CA ASP A 127 -12.99 17.01 10.19
C ASP A 127 -12.12 18.20 10.52
N ARG A 128 -11.50 18.11 11.67
CA ARG A 128 -10.54 19.06 12.19
C ARG A 128 -9.32 19.11 11.32
N VAL A 129 -8.75 17.98 10.91
CA VAL A 129 -7.67 17.93 9.90
C VAL A 129 -8.23 18.49 8.59
N LEU A 130 -9.47 18.28 8.15
CA LEU A 130 -9.87 18.90 6.88
C LEU A 130 -9.99 20.43 6.84
N HIS A 131 -10.42 20.98 7.96
CA HIS A 131 -10.71 22.39 7.94
C HIS A 131 -9.74 23.18 8.78
N ASP A 132 -9.12 22.59 9.79
CA ASP A 132 -8.20 23.33 10.61
C ASP A 132 -6.76 23.03 10.26
N ASP A 133 -6.30 24.03 9.54
CA ASP A 133 -4.96 24.14 9.07
C ASP A 133 -3.86 23.92 10.02
N ALA A 134 -3.90 24.55 11.16
CA ALA A 134 -2.80 24.31 12.06
C ALA A 134 -2.98 22.95 12.75
N PHE A 135 -4.19 22.38 12.75
CA PHE A 135 -4.41 21.09 13.41
C PHE A 135 -3.83 20.02 12.48
N ALA A 136 -4.21 20.09 11.19
CA ALA A 136 -3.63 19.32 10.10
C ALA A 136 -2.10 19.37 10.11
N ALA A 137 -1.46 20.52 10.28
CA ALA A 137 -0.03 20.60 10.36
C ALA A 137 0.46 19.82 11.58
N LYS A 138 -0.17 19.93 12.72
CA LYS A 138 0.25 19.29 13.94
C LYS A 138 -0.07 17.80 13.96
N TYR A 139 -1.26 17.34 13.56
CA TYR A 139 -1.67 15.98 13.81
C TYR A 139 -1.99 15.21 12.53
N GLY A 140 -1.99 15.90 11.42
CA GLY A 140 -2.31 15.21 10.20
C GLY A 140 -1.05 14.74 9.54
N ASP A 141 0.08 15.34 9.89
CA ASP A 141 1.30 14.94 9.28
C ASP A 141 1.85 13.75 10.03
N LEU A 142 2.03 12.66 9.29
CA LEU A 142 2.59 11.44 9.87
C LEU A 142 4.11 11.51 9.98
N GLY A 143 4.75 12.27 9.11
CA GLY A 143 6.18 12.45 9.22
C GLY A 143 6.96 11.40 8.49
N LEU A 144 7.13 10.20 9.05
CA LEU A 144 7.97 9.19 8.42
C LEU A 144 7.05 8.23 7.78
N VAL A 145 6.80 8.28 6.48
CA VAL A 145 5.88 7.39 5.79
C VAL A 145 6.33 7.39 4.32
N TYR A 146 5.82 6.56 3.37
CA TYR A 146 6.44 6.39 2.07
C TYR A 146 6.58 7.62 1.27
N GLY A 147 5.68 8.59 1.30
CA GLY A 147 5.96 9.84 0.59
C GLY A 147 7.30 10.43 0.96
N SER A 148 7.62 10.45 2.24
CA SER A 148 8.85 11.07 2.60
C SER A 148 10.00 10.07 2.50
N GLN A 149 9.90 8.74 2.65
CA GLN A 149 11.14 8.04 2.46
C GLN A 149 11.42 7.84 0.98
N TRP A 150 10.42 7.93 0.08
CA TRP A 150 10.66 7.86 -1.35
C TRP A 150 11.26 9.14 -1.89
N ARG A 151 10.75 10.25 -1.36
CA ARG A 151 11.04 11.54 -1.94
C ARG A 151 11.72 12.57 -1.09
N ALA A 152 12.03 12.26 0.15
CA ALA A 152 12.70 13.27 0.91
C ALA A 152 13.43 12.60 2.05
N TRP A 153 14.34 11.67 1.69
CA TRP A 153 15.07 10.96 2.66
C TRP A 153 16.01 11.99 3.32
N HIS A 154 16.13 12.02 4.63
CA HIS A 154 16.93 13.00 5.32
C HIS A 154 18.39 12.67 5.40
N THR A 155 19.35 13.52 5.06
CA THR A 155 20.72 13.11 5.23
C THR A 155 21.30 13.42 6.63
N SER A 156 22.49 12.99 7.01
CA SER A 156 23.16 13.47 8.22
C SER A 156 23.55 14.93 8.00
N LYS A 157 23.93 15.41 6.82
CA LYS A 157 24.11 16.85 6.59
C LYS A 157 22.80 17.69 6.63
N GLY A 158 21.64 17.11 6.95
CA GLY A 158 20.43 17.88 7.04
C GLY A 158 19.73 18.14 5.70
N ASP A 159 20.15 17.79 4.47
CA ASP A 159 19.22 18.00 3.38
C ASP A 159 18.42 16.73 3.06
N THR A 160 17.74 16.72 1.95
CA THR A 160 16.82 15.70 1.59
C THR A 160 17.23 15.18 0.22
N ILE A 161 16.97 13.88 0.08
CA ILE A 161 17.20 13.08 -1.09
C ILE A 161 15.88 12.55 -1.67
N ASP A 162 15.64 12.96 -2.89
CA ASP A 162 14.51 12.48 -3.64
C ASP A 162 14.97 11.27 -4.40
N GLN A 163 14.96 10.15 -3.72
CA GLN A 163 15.41 8.89 -4.28
C GLN A 163 14.58 8.58 -5.50
N LEU A 164 13.25 8.59 -5.46
CA LEU A 164 12.44 8.28 -6.65
C LEU A 164 12.73 9.22 -7.81
N GLY A 165 12.79 10.54 -7.63
CA GLY A 165 13.09 11.44 -8.70
C GLY A 165 14.48 11.15 -9.24
N ASP A 166 15.50 10.84 -8.44
CA ASP A 166 16.79 10.56 -9.03
C ASP A 166 16.86 9.23 -9.74
N VAL A 167 16.24 8.15 -9.23
CA VAL A 167 16.22 6.87 -9.94
C VAL A 167 15.45 7.08 -11.24
N ILE A 168 14.39 7.88 -11.38
CA ILE A 168 13.77 8.06 -12.69
C ILE A 168 14.73 8.75 -13.65
N GLU A 169 15.62 9.60 -13.21
CA GLU A 169 16.62 10.24 -14.03
C GLU A 169 17.67 9.21 -14.43
N GLN A 170 18.07 8.32 -13.53
CA GLN A 170 19.05 7.34 -13.86
C GLN A 170 18.49 6.38 -14.85
N ILE A 171 17.20 6.03 -14.84
CA ILE A 171 16.57 5.14 -15.85
C ILE A 171 16.59 5.83 -17.21
N LYS A 172 16.26 7.13 -17.30
CA LYS A 172 16.32 7.82 -18.57
C LYS A 172 17.76 7.95 -19.04
N THR A 173 18.80 8.01 -18.20
CA THR A 173 20.16 8.16 -18.69
C THR A 173 20.95 6.89 -18.67
N HIS A 174 20.61 5.91 -17.87
CA HIS A 174 21.41 4.72 -17.67
C HIS A 174 20.48 3.55 -17.42
N PRO A 175 19.56 3.23 -18.35
CA PRO A 175 18.60 2.14 -18.21
C PRO A 175 19.13 0.80 -17.78
N TYR A 176 20.34 0.52 -18.20
CA TYR A 176 21.00 -0.69 -17.80
C TYR A 176 21.60 -0.73 -16.41
N SER A 177 21.29 0.25 -15.54
CA SER A 177 21.75 0.23 -14.16
C SER A 177 21.06 -0.90 -13.40
N ARG A 178 21.96 -1.48 -12.65
CA ARG A 178 21.67 -2.54 -11.70
C ARG A 178 21.55 -1.97 -10.33
N ARG A 179 21.47 -0.62 -10.26
CA ARG A 179 21.41 0.15 -9.03
C ARG A 179 20.10 0.93 -9.00
N LEU A 180 19.04 0.73 -9.83
CA LEU A 180 17.83 1.54 -9.77
C LEU A 180 17.01 1.07 -8.57
N ILE A 181 17.45 1.36 -7.34
CA ILE A 181 16.86 0.90 -6.08
C ILE A 181 16.25 2.02 -5.26
N VAL A 182 15.03 1.83 -4.73
CA VAL A 182 14.49 2.85 -3.80
C VAL A 182 14.36 2.11 -2.48
N SER A 183 14.86 2.67 -1.36
CA SER A 183 14.76 2.00 -0.07
C SER A 183 13.77 2.71 0.83
N ALA A 184 12.89 2.05 1.56
CA ALA A 184 12.08 2.80 2.50
C ALA A 184 12.58 2.41 3.89
N TRP A 185 13.67 1.58 3.98
CA TRP A 185 14.10 1.15 5.30
C TRP A 185 15.20 2.02 5.87
N ASN A 186 15.07 2.64 7.00
CA ASN A 186 16.15 3.47 7.51
C ASN A 186 16.46 3.05 8.94
N PRO A 187 17.62 2.40 9.18
CA PRO A 187 18.04 1.82 10.46
C PRO A 187 17.95 2.72 11.72
N GLU A 188 18.08 4.00 11.44
CA GLU A 188 17.99 5.07 12.42
C GLU A 188 16.59 5.27 13.04
N ASP A 189 15.65 5.26 12.13
CA ASP A 189 14.25 5.44 12.38
C ASP A 189 13.52 4.21 12.80
N VAL A 190 13.95 3.09 12.26
CA VAL A 190 13.18 1.90 12.45
C VAL A 190 12.96 1.35 13.86
N PRO A 191 13.79 1.66 14.87
CA PRO A 191 13.47 1.31 16.24
C PRO A 191 12.34 2.16 16.82
N THR A 192 12.21 3.42 16.46
CA THR A 192 11.15 4.18 17.10
C THR A 192 9.84 4.16 16.32
N MET A 193 9.88 3.85 15.02
CA MET A 193 8.66 3.72 14.26
C MET A 193 7.69 2.68 14.82
N ALA A 194 6.41 2.98 14.62
CA ALA A 194 5.32 2.13 15.04
C ALA A 194 5.13 1.07 13.97
N LEU A 195 4.92 1.51 12.74
CA LEU A 195 4.94 0.53 11.69
C LEU A 195 6.15 0.82 10.80
N PRO A 196 7.34 0.23 11.02
CA PRO A 196 8.47 0.24 10.12
C PRO A 196 7.99 -0.19 8.73
N PRO A 197 8.40 0.39 7.59
CA PRO A 197 7.86 0.07 6.26
C PRO A 197 7.65 -1.41 5.93
N CYS A 198 6.44 -1.90 5.62
CA CYS A 198 6.23 -3.28 5.09
C CYS A 198 6.87 -3.40 3.69
N HIS A 199 6.81 -2.38 2.82
CA HIS A 199 7.38 -2.49 1.48
C HIS A 199 8.72 -1.82 1.59
N THR A 200 9.64 -2.69 2.04
CA THR A 200 10.99 -2.36 2.42
C THR A 200 11.87 -1.73 1.36
N LEU A 201 11.77 -2.08 0.06
CA LEU A 201 12.82 -1.83 -0.91
C LEU A 201 12.26 -2.16 -2.28
N TYR A 202 12.49 -1.48 -3.40
CA TYR A 202 12.10 -2.00 -4.68
C TYR A 202 13.23 -1.72 -5.68
N GLN A 203 13.26 -2.38 -6.86
CA GLN A 203 14.32 -2.28 -7.84
C GLN A 203 13.71 -2.28 -9.23
N PHE A 204 14.12 -1.38 -10.12
CA PHE A 204 13.66 -1.30 -11.49
C PHE A 204 14.65 -2.06 -12.35
N TYR A 205 14.32 -2.52 -13.54
CA TYR A 205 15.25 -3.18 -14.46
C TYR A 205 14.71 -2.87 -15.84
N VAL A 206 15.51 -2.51 -16.86
CA VAL A 206 14.96 -2.23 -18.18
C VAL A 206 15.55 -3.29 -19.08
N ASN A 207 14.82 -3.86 -20.03
CA ASN A 207 15.46 -4.70 -21.02
C ASN A 207 14.54 -4.77 -22.20
N ASP A 208 15.12 -4.67 -23.39
CA ASP A 208 14.43 -4.65 -24.67
C ASP A 208 13.31 -3.62 -24.63
N GLY A 209 13.64 -2.45 -24.09
CA GLY A 209 12.66 -1.40 -23.95
C GLY A 209 11.47 -1.60 -23.03
N LYS A 210 11.49 -2.58 -22.13
CA LYS A 210 10.42 -2.86 -21.20
C LYS A 210 10.97 -2.63 -19.79
N LEU A 211 10.18 -1.98 -18.94
CA LEU A 211 10.48 -1.71 -17.55
C LEU A 211 9.86 -2.75 -16.61
N SER A 212 10.63 -3.39 -15.75
CA SER A 212 10.08 -4.25 -14.71
C SER A 212 10.38 -3.66 -13.34
N LEU A 213 9.66 -4.07 -12.30
CA LEU A 213 9.98 -3.62 -10.96
C LEU A 213 9.96 -4.85 -10.08
N GLN A 214 10.82 -4.95 -9.07
CA GLN A 214 10.75 -6.02 -8.10
C GLN A 214 10.50 -5.41 -6.74
N LEU A 215 9.50 -5.89 -5.99
CA LEU A 215 9.27 -5.40 -4.64
C LEU A 215 9.75 -6.44 -3.62
N TYR A 216 10.46 -6.00 -2.57
CA TYR A 216 10.68 -6.89 -1.42
C TYR A 216 9.80 -6.45 -0.24
N GLN A 217 8.83 -7.28 0.11
CA GLN A 217 7.89 -6.99 1.17
C GLN A 217 8.22 -7.89 2.36
N ARG A 218 8.60 -7.28 3.47
CA ARG A 218 9.01 -8.07 4.61
C ARG A 218 7.93 -8.76 5.38
N SER A 219 6.66 -8.45 5.18
CA SER A 219 5.59 -8.97 5.98
C SER A 219 4.37 -8.79 5.10
N ALA A 220 3.46 -9.75 4.91
CA ALA A 220 2.32 -9.47 4.04
C ALA A 220 1.15 -10.17 4.63
N ASP A 221 0.01 -9.51 4.71
CA ASP A 221 -1.25 -10.09 5.16
C ASP A 221 -1.92 -10.64 3.90
N ILE A 222 -1.92 -11.92 3.56
CA ILE A 222 -2.45 -12.40 2.30
C ILE A 222 -3.89 -12.06 1.94
N PHE A 223 -4.86 -12.06 2.89
CA PHE A 223 -6.23 -11.83 2.45
C PHE A 223 -6.49 -10.34 2.29
N LEU A 224 -6.14 -9.51 3.28
CA LEU A 224 -6.49 -8.11 3.14
C LEU A 224 -5.49 -7.20 2.46
N GLY A 225 -4.20 -7.41 2.70
CA GLY A 225 -3.22 -6.43 2.29
C GLY A 225 -2.70 -6.65 0.90
N VAL A 226 -2.22 -7.87 0.58
CA VAL A 226 -1.57 -8.21 -0.70
C VAL A 226 -2.41 -7.83 -1.92
N PRO A 227 -3.77 -7.94 -1.99
CA PRO A 227 -4.48 -7.50 -3.20
C PRO A 227 -4.34 -6.01 -3.52
N PHE A 228 -4.13 -5.17 -2.50
CA PHE A 228 -3.83 -3.74 -2.63
C PHE A 228 -2.36 -3.58 -3.01
N ASN A 229 -1.45 -4.22 -2.29
CA ASN A 229 -0.04 -4.20 -2.54
C ASN A 229 0.31 -4.49 -3.94
N ILE A 230 -0.32 -5.53 -4.49
CA ILE A 230 -0.09 -5.88 -5.88
C ILE A 230 -0.39 -4.77 -6.87
N ALA A 231 -1.58 -4.23 -6.77
CA ALA A 231 -2.06 -3.18 -7.62
C ALA A 231 -1.36 -1.89 -7.38
N SER A 232 -0.92 -1.51 -6.17
CA SER A 232 -0.16 -0.25 -6.00
C SER A 232 1.15 -0.32 -6.71
N TYR A 233 1.90 -1.43 -6.65
CA TYR A 233 3.17 -1.49 -7.34
C TYR A 233 3.09 -1.80 -8.80
N ALA A 234 2.09 -2.53 -9.26
CA ALA A 234 1.90 -2.64 -10.70
C ALA A 234 1.53 -1.24 -11.19
N LEU A 235 0.87 -0.35 -10.43
CA LEU A 235 0.57 1.00 -10.96
C LEU A 235 1.79 1.90 -10.92
N LEU A 236 2.70 1.84 -9.93
CA LEU A 236 3.99 2.54 -9.89
C LEU A 236 4.74 2.14 -11.16
N THR A 237 4.77 0.84 -11.54
CA THR A 237 5.55 0.32 -12.67
C THR A 237 4.97 0.98 -13.92
N HIS A 238 3.65 1.05 -14.06
CA HIS A 238 3.05 1.68 -15.20
C HIS A 238 3.37 3.15 -15.28
N LEU A 239 3.30 3.84 -14.13
CA LEU A 239 3.58 5.26 -14.11
C LEU A 239 5.01 5.60 -14.47
N VAL A 240 6.00 4.92 -13.91
CA VAL A 240 7.40 5.21 -14.25
C VAL A 240 7.63 4.85 -15.71
N ALA A 241 7.03 3.84 -16.34
CA ALA A 241 7.24 3.57 -17.77
C ALA A 241 6.62 4.70 -18.59
N HIS A 242 5.49 5.27 -18.20
CA HIS A 242 4.86 6.41 -18.89
C HIS A 242 5.81 7.61 -18.95
N GLU A 243 6.28 8.00 -17.77
CA GLU A 243 7.20 9.10 -17.65
C GLU A 243 8.45 8.83 -18.41
N CYS A 244 9.04 7.62 -18.37
CA CYS A 244 10.25 7.30 -19.11
C CYS A 244 10.01 6.86 -20.55
N GLY A 245 8.79 6.70 -21.02
CA GLY A 245 8.51 6.39 -22.43
C GLY A 245 8.91 4.97 -22.78
N LEU A 246 8.66 4.01 -21.86
CA LEU A 246 9.10 2.62 -21.97
C LEU A 246 7.86 1.74 -22.01
N GLU A 247 7.95 0.49 -22.43
CA GLU A 247 6.79 -0.37 -22.35
C GLU A 247 6.88 -1.01 -20.97
N VAL A 248 5.77 -1.58 -20.49
CA VAL A 248 5.78 -2.21 -19.17
C VAL A 248 6.13 -3.71 -19.35
N GLY A 249 6.85 -4.27 -18.39
CA GLY A 249 7.25 -5.64 -18.45
C GLY A 249 6.48 -6.41 -17.43
N GLU A 250 7.16 -6.73 -16.32
CA GLU A 250 6.63 -7.52 -15.23
C GLU A 250 6.73 -6.84 -13.90
N PHE A 251 5.81 -7.24 -13.03
CA PHE A 251 5.93 -6.87 -11.65
C PHE A 251 6.20 -8.21 -10.92
N ILE A 252 7.38 -8.24 -10.28
CA ILE A 252 7.81 -9.36 -9.49
C ILE A 252 7.63 -9.06 -8.00
N HIS A 253 6.86 -9.85 -7.23
CA HIS A 253 6.54 -9.60 -5.83
C HIS A 253 7.25 -10.61 -4.95
N THR A 254 8.25 -10.12 -4.17
CA THR A 254 9.01 -11.03 -3.36
C THR A 254 8.59 -10.82 -1.94
N PHE A 255 8.48 -11.91 -1.16
CA PHE A 255 8.00 -11.87 0.19
C PHE A 255 8.96 -12.39 1.22
N GLY A 256 9.02 -11.69 2.34
CA GLY A 256 9.69 -12.29 3.49
C GLY A 256 8.62 -13.12 4.21
N ASP A 257 8.04 -12.66 5.32
CA ASP A 257 6.94 -13.34 5.96
C ASP A 257 5.59 -13.08 5.21
N ALA A 258 4.88 -14.00 4.55
CA ALA A 258 3.55 -13.78 3.97
C ALA A 258 2.62 -14.51 4.95
N HIS A 259 1.53 -13.97 5.50
CA HIS A 259 0.72 -14.68 6.49
C HIS A 259 -0.75 -14.50 6.29
N LEU A 260 -1.49 -15.51 6.69
CA LEU A 260 -2.93 -15.50 6.59
C LEU A 260 -3.41 -15.44 8.02
N TYR A 261 -4.15 -14.41 8.43
CA TYR A 261 -4.66 -14.48 9.79
C TYR A 261 -5.74 -15.59 9.89
N VAL A 262 -5.67 -16.34 10.98
CA VAL A 262 -6.56 -17.43 11.28
C VAL A 262 -8.04 -17.10 11.09
N ASN A 263 -8.49 -15.86 11.33
CA ASN A 263 -9.90 -15.49 11.17
C ASN A 263 -10.22 -14.95 9.78
N HIS A 264 -9.47 -15.40 8.77
CA HIS A 264 -9.68 -15.10 7.39
C HIS A 264 -9.67 -16.44 6.66
N LEU A 265 -9.59 -17.62 7.31
CA LEU A 265 -9.58 -18.87 6.58
C LEU A 265 -10.81 -19.19 5.77
N ASP A 266 -12.02 -18.95 6.29
CA ASP A 266 -13.26 -19.17 5.55
C ASP A 266 -13.44 -18.30 4.35
N GLN A 267 -13.01 -17.06 4.47
CA GLN A 267 -13.18 -16.10 3.43
C GLN A 267 -12.21 -16.42 2.33
N ILE A 268 -10.97 -16.81 2.66
CA ILE A 268 -10.06 -17.07 1.54
C ILE A 268 -10.46 -18.40 0.91
N LYS A 269 -10.95 -19.38 1.65
CA LYS A 269 -11.41 -20.62 1.03
C LYS A 269 -12.54 -20.36 0.05
N GLU A 270 -13.40 -19.41 0.40
CA GLU A 270 -14.53 -19.14 -0.45
C GLU A 270 -14.01 -18.42 -1.66
N GLN A 271 -13.12 -17.43 -1.53
CA GLN A 271 -12.59 -16.73 -2.69
C GLN A 271 -11.94 -17.67 -3.67
N LEU A 272 -11.28 -18.68 -3.11
CA LEU A 272 -10.65 -19.75 -3.88
C LEU A 272 -11.63 -20.66 -4.63
N SER A 273 -12.96 -20.59 -4.50
CA SER A 273 -13.86 -21.38 -5.30
C SER A 273 -14.38 -20.46 -6.39
N ARG A 274 -13.83 -19.26 -6.63
CA ARG A 274 -14.29 -18.38 -7.68
C ARG A 274 -13.33 -18.54 -8.88
N THR A 275 -13.70 -18.23 -10.12
CA THR A 275 -12.88 -18.43 -11.30
C THR A 275 -12.59 -17.01 -11.82
N PRO A 276 -11.30 -16.64 -11.89
CA PRO A 276 -10.83 -15.47 -12.58
C PRO A 276 -11.55 -15.00 -13.82
N ARG A 277 -11.90 -13.70 -13.81
CA ARG A 277 -12.39 -13.11 -15.04
C ARG A 277 -11.26 -12.65 -15.98
N PRO A 278 -11.49 -12.18 -17.21
CA PRO A 278 -10.49 -11.45 -17.98
C PRO A 278 -10.05 -10.18 -17.21
N ALA A 279 -8.73 -9.91 -17.07
CA ALA A 279 -8.18 -8.82 -16.24
C ALA A 279 -8.50 -7.40 -16.76
N PRO A 280 -8.59 -6.31 -15.92
CA PRO A 280 -8.89 -4.97 -16.38
C PRO A 280 -7.77 -4.43 -17.22
N THR A 281 -7.93 -3.20 -17.71
CA THR A 281 -6.96 -2.51 -18.56
C THR A 281 -6.68 -1.08 -18.03
N LEU A 282 -5.43 -0.70 -17.80
CA LEU A 282 -5.13 0.61 -17.30
C LEU A 282 -4.93 1.51 -18.52
N GLN A 283 -5.42 2.71 -18.33
CA GLN A 283 -5.29 3.74 -19.32
C GLN A 283 -4.65 4.92 -18.59
N LEU A 284 -3.51 5.42 -19.05
CA LEU A 284 -2.85 6.55 -18.45
C LEU A 284 -2.90 7.72 -19.46
N ASN A 285 -3.12 8.95 -18.95
CA ASN A 285 -3.25 10.16 -19.74
C ASN A 285 -2.11 10.39 -20.69
N PRO A 286 -2.35 10.39 -22.00
CA PRO A 286 -1.30 10.24 -22.99
C PRO A 286 -0.54 11.51 -23.24
N ASP A 287 -1.13 12.61 -22.80
CA ASP A 287 -0.65 13.95 -22.98
C ASP A 287 0.00 14.46 -21.71
N LYS A 288 -0.11 13.82 -20.54
CA LYS A 288 0.67 14.23 -19.38
C LYS A 288 1.69 13.16 -19.19
N HIS A 289 2.93 13.54 -18.98
CA HIS A 289 3.97 12.55 -18.75
C HIS A 289 4.83 12.80 -17.52
N ASP A 290 4.48 13.77 -16.66
CA ASP A 290 5.20 14.05 -15.43
C ASP A 290 4.26 13.45 -14.43
N ILE A 291 4.67 12.30 -13.88
CA ILE A 291 3.78 11.52 -13.03
C ILE A 291 3.63 12.05 -11.62
N PHE A 292 4.52 12.97 -11.28
CA PHE A 292 4.45 13.56 -9.95
C PHE A 292 3.32 14.60 -9.95
N ASP A 293 2.88 15.08 -11.13
CA ASP A 293 1.82 16.07 -11.21
C ASP A 293 0.56 15.41 -11.65
N PHE A 294 0.54 14.10 -11.70
CA PHE A 294 -0.67 13.40 -12.09
C PHE A 294 -1.71 13.59 -10.98
N ASP A 295 -2.90 13.35 -11.48
CA ASP A 295 -4.08 13.55 -10.73
C ASP A 295 -4.90 12.28 -10.89
N MET A 296 -5.87 12.10 -9.98
CA MET A 296 -6.79 10.98 -9.98
C MET A 296 -7.30 10.76 -11.39
N LYS A 297 -7.75 11.84 -12.01
CA LYS A 297 -8.29 11.82 -13.32
C LYS A 297 -7.44 11.21 -14.40
N ASP A 298 -6.12 11.24 -14.21
CA ASP A 298 -5.16 10.76 -15.19
C ASP A 298 -4.94 9.27 -15.36
N ILE A 299 -5.50 8.43 -14.49
CA ILE A 299 -5.39 6.98 -14.53
C ILE A 299 -6.79 6.37 -14.65
N LYS A 300 -7.10 5.58 -15.66
CA LYS A 300 -8.38 4.92 -15.80
C LYS A 300 -8.17 3.41 -15.79
N LEU A 301 -9.08 2.67 -15.16
CA LEU A 301 -9.07 1.21 -15.22
C LEU A 301 -10.21 0.89 -16.16
N LEU A 302 -10.08 0.14 -17.24
CA LEU A 302 -11.21 -0.09 -18.09
C LEU A 302 -11.49 -1.55 -17.89
N ASN A 303 -12.77 -1.91 -17.95
CA ASN A 303 -13.20 -3.30 -17.94
C ASN A 303 -12.94 -4.08 -16.68
N TYR A 304 -13.05 -3.40 -15.53
CA TYR A 304 -12.82 -4.17 -14.34
C TYR A 304 -14.15 -4.79 -14.03
N ASP A 305 -14.38 -6.09 -14.14
CA ASP A 305 -15.64 -6.67 -13.70
C ASP A 305 -15.42 -7.71 -12.60
N PRO A 306 -15.39 -7.40 -11.32
CA PRO A 306 -14.96 -8.34 -10.31
C PRO A 306 -16.09 -9.15 -9.71
N TYR A 307 -15.81 -10.10 -8.86
CA TYR A 307 -16.83 -10.83 -8.11
C TYR A 307 -17.22 -9.95 -6.95
N PRO A 308 -18.19 -10.23 -6.07
CA PRO A 308 -18.43 -9.44 -4.87
C PRO A 308 -17.25 -9.22 -3.91
N ALA A 309 -17.27 -8.12 -3.20
CA ALA A 309 -16.30 -7.90 -2.15
C ALA A 309 -16.45 -8.99 -1.12
N ILE A 310 -15.48 -9.32 -0.26
CA ILE A 310 -15.59 -10.37 0.72
C ILE A 310 -15.21 -9.63 1.96
N LYS A 311 -16.16 -9.55 2.89
CA LYS A 311 -16.01 -8.90 4.18
C LYS A 311 -15.18 -9.78 5.09
N ALA A 312 -14.18 -9.24 5.80
CA ALA A 312 -13.39 -10.04 6.68
C ALA A 312 -13.03 -9.15 7.82
N PRO A 313 -12.91 -9.73 9.04
CA PRO A 313 -12.28 -9.16 10.23
C PRO A 313 -10.84 -8.69 10.06
N VAL A 314 -10.54 -7.44 10.38
CA VAL A 314 -9.19 -6.93 10.29
C VAL A 314 -8.52 -7.56 11.51
N ALA A 315 -7.23 -7.88 11.43
CA ALA A 315 -6.60 -8.52 12.58
C ALA A 315 -6.12 -7.53 13.61
N VAL A 316 -6.33 -7.86 14.89
CA VAL A 316 -5.90 -7.03 16.00
C VAL A 316 -5.31 -7.85 17.16
P PO4 B . 4.72 -6.24 11.50
O1 PO4 B . 4.97 -4.76 11.06
O2 PO4 B . 6.08 -6.70 11.76
O3 PO4 B . 3.92 -6.15 12.75
O4 PO4 B . 3.98 -6.82 10.35
#